data_7LSM
#
_entry.id   7LSM
#
_cell.length_a   46.800
_cell.length_b   50.110
_cell.length_c   66.640
_cell.angle_alpha   90.000
_cell.angle_beta   90.000
_cell.angle_gamma   90.000
#
_symmetry.space_group_name_H-M   'P 21 21 21'
#
loop_
_entity.id
_entity.type
_entity.pdbx_description
1 polymer 'Thiol:disulfide interchange protein DsbA'
2 non-polymer DI(HYDROXYETHYL)ETHER
3 non-polymer 'TAUROCHOLIC ACID'
4 water water
#
_entity_poly.entity_id   1
_entity_poly.type   'polypeptide(L)'
_entity_poly.pdbx_seq_one_letter_code
;AQYEDGKQYTTLEKPVAGAPQVLEFFSFFCPHCYQFEEVLHISDNVKKKLPEGVKMTKYHVNFMGGDLGKDLTQAWAVAM
ALGVEDKVTVPLFEGVQKTQTIRSASDIRDVFINAGIKGEEYDAAWNSFVVKSLVAQQEKAAADVQLRGVPAMFVNGKYQ
LNPQGMDTSNMDVFVQQYADTVKYLSEKK
;
_entity_poly.pdbx_strand_id   A
#
loop_
_chem_comp.id
_chem_comp.type
_chem_comp.name
_chem_comp.formula
PEG non-polymer DI(HYDROXYETHYL)ETHER 'C4 H10 O3'
TCH non-polymer 'TAUROCHOLIC ACID' 'C26 H45 N O7 S'
#
# COMPACT_ATOMS: atom_id res chain seq x y z
N ASP A 5 -9.03 -13.33 20.75
CA ASP A 5 -8.06 -12.28 21.03
C ASP A 5 -6.71 -12.59 20.41
N GLY A 6 -6.19 -11.62 19.65
CA GLY A 6 -5.02 -11.83 18.82
C GLY A 6 -5.26 -12.73 17.63
N LYS A 7 -6.44 -13.34 17.52
CA LYS A 7 -6.69 -14.27 16.43
C LYS A 7 -6.71 -13.56 15.08
N GLN A 8 -7.45 -12.46 14.99
CA GLN A 8 -7.57 -11.79 13.71
C GLN A 8 -6.98 -10.39 13.71
N TYR A 9 -6.59 -9.87 14.88
CA TYR A 9 -5.90 -8.58 14.93
C TYR A 9 -5.24 -8.42 16.28
N THR A 10 -4.30 -7.49 16.34
CA THR A 10 -3.67 -7.09 17.59
C THR A 10 -3.80 -5.58 17.72
N THR A 11 -3.69 -5.08 18.94
CA THR A 11 -3.85 -3.67 19.25
C THR A 11 -2.48 -3.08 19.52
N LEU A 12 -2.12 -2.03 18.77
CA LEU A 12 -0.87 -1.33 19.01
C LEU A 12 -0.88 -0.64 20.37
N GLU A 13 0.25 -0.69 21.07
CA GLU A 13 0.35 0.02 22.35
C GLU A 13 0.43 1.53 22.15
N LYS A 14 1.04 1.98 21.06
CA LYS A 14 1.04 3.41 20.72
C LYS A 14 0.35 3.61 19.38
N PRO A 15 -0.86 4.17 19.35
CA PRO A 15 -1.53 4.37 18.06
C PRO A 15 -0.72 5.27 17.14
N VAL A 16 -0.95 5.09 15.85
CA VAL A 16 -0.27 5.84 14.81
C VAL A 16 -1.07 7.11 14.55
N ALA A 17 -0.42 8.26 14.69
CA ALA A 17 -1.09 9.53 14.44
C ALA A 17 -1.13 9.82 12.95
N GLY A 18 -2.24 10.38 12.49
CA GLY A 18 -2.29 10.82 11.10
C GLY A 18 -2.32 9.69 10.10
N ALA A 19 -2.66 8.52 10.52
CA ALA A 19 -2.68 7.43 9.56
C ALA A 19 -4.01 7.36 8.84
N PRO A 20 -4.02 6.96 7.57
CA PRO A 20 -5.28 6.63 6.91
C PRO A 20 -6.04 5.64 7.78
N GLN A 21 -7.36 5.80 7.80
CA GLN A 21 -8.17 4.96 8.69
C GLN A 21 -7.97 3.49 8.39
N VAL A 22 -7.75 3.13 7.13
CA VAL A 22 -7.38 1.77 6.77
C VAL A 22 -6.10 1.89 5.94
N LEU A 23 -5.00 1.36 6.49
CA LEU A 23 -3.68 1.60 5.94
C LEU A 23 -3.05 0.26 5.60
N GLU A 24 -2.73 0.05 4.33
CA GLU A 24 -2.07 -1.15 3.89
C GLU A 24 -0.65 -0.79 3.49
N PHE A 25 0.32 -1.49 4.08
CA PHE A 25 1.70 -1.34 3.67
C PHE A 25 2.04 -2.42 2.65
N PHE A 26 2.81 -2.04 1.63
CA PHE A 26 3.18 -3.00 0.61
C PHE A 26 4.47 -2.55 -0.04
N SER A 27 5.02 -3.43 -0.87
CA SER A 27 6.11 -3.08 -1.77
C SER A 27 5.80 -3.64 -3.14
N PHE A 28 6.11 -2.86 -4.18
CA PHE A 28 5.98 -3.39 -5.52
C PHE A 28 6.99 -4.48 -5.78
N PHE A 29 8.03 -4.58 -4.93
CA PHE A 29 9.05 -5.61 -5.08
C PHE A 29 8.66 -6.90 -4.39
N CYS A 30 7.57 -6.84 -3.65
CA CYS A 30 7.13 -7.94 -2.76
C CYS A 30 6.17 -8.88 -3.50
N PRO A 31 6.60 -10.12 -3.83
CA PRO A 31 5.73 -11.09 -4.52
C PRO A 31 4.46 -11.37 -3.72
N HIS A 32 4.57 -11.46 -2.39
CA HIS A 32 3.39 -11.71 -1.54
C HIS A 32 2.41 -10.53 -1.69
N CYS A 33 2.94 -9.31 -1.75
CA CYS A 33 2.07 -8.12 -1.92
C CYS A 33 1.35 -8.22 -3.27
N TYR A 34 2.05 -8.70 -4.29
CA TYR A 34 1.40 -8.89 -5.58
C TYR A 34 0.29 -9.93 -5.46
N GLN A 35 0.58 -11.04 -4.77
CA GLN A 35 -0.47 -12.03 -4.54
C GLN A 35 -1.61 -11.42 -3.76
N PHE A 36 -1.28 -10.63 -2.73
CA PHE A 36 -2.30 -10.04 -1.87
C PHE A 36 -3.22 -9.11 -2.65
N GLU A 37 -2.66 -8.31 -3.55
CA GLU A 37 -3.45 -7.26 -4.18
C GLU A 37 -3.94 -7.61 -5.56
N GLU A 38 -3.13 -8.30 -6.38
CA GLU A 38 -3.49 -8.56 -7.76
C GLU A 38 -4.07 -9.94 -7.98
N VAL A 39 -4.03 -10.82 -6.99
CA VAL A 39 -4.74 -12.10 -7.05
C VAL A 39 -5.92 -12.12 -6.09
N LEU A 40 -5.66 -11.90 -4.80
CA LEU A 40 -6.76 -11.85 -3.83
C LEU A 40 -7.55 -10.55 -3.92
N HIS A 41 -6.94 -9.48 -4.45
CA HIS A 41 -7.55 -8.15 -4.46
C HIS A 41 -8.05 -7.77 -3.06
N ILE A 42 -7.16 -7.85 -2.08
CA ILE A 42 -7.58 -7.61 -0.72
C ILE A 42 -8.14 -6.21 -0.57
N SER A 43 -7.39 -5.20 -1.02
CA SER A 43 -7.85 -3.84 -0.79
C SER A 43 -9.19 -3.59 -1.49
N ASP A 44 -9.38 -4.13 -2.71
CA ASP A 44 -10.68 -3.99 -3.36
C ASP A 44 -11.78 -4.62 -2.52
N ASN A 45 -11.54 -5.82 -2.01
CA ASN A 45 -12.59 -6.49 -1.24
C ASN A 45 -12.80 -5.83 0.10
N VAL A 46 -11.74 -5.30 0.71
CA VAL A 46 -11.91 -4.52 1.93
C VAL A 46 -12.75 -3.29 1.65
N LYS A 47 -12.44 -2.58 0.56
CA LYS A 47 -13.15 -1.34 0.26
C LYS A 47 -14.63 -1.60 0.06
N LYS A 48 -14.97 -2.68 -0.64
CA LYS A 48 -16.39 -2.98 -0.83
C LYS A 48 -17.11 -3.11 0.49
N LYS A 49 -16.43 -3.65 1.51
CA LYS A 49 -17.09 -3.87 2.79
C LYS A 49 -16.93 -2.73 3.79
N LEU A 50 -16.01 -1.80 3.54
CA LEU A 50 -15.80 -0.73 4.49
C LEU A 50 -17.06 0.11 4.65
N PRO A 51 -17.27 0.72 5.81
CA PRO A 51 -18.37 1.68 5.95
C PRO A 51 -18.21 2.78 4.93
N GLU A 52 -19.34 3.27 4.41
CA GLU A 52 -19.28 4.37 3.46
C GLU A 52 -18.54 5.54 4.09
N GLY A 53 -17.56 6.07 3.37
CA GLY A 53 -16.81 7.22 3.81
C GLY A 53 -15.44 6.91 4.39
N VAL A 54 -15.15 5.66 4.69
CA VAL A 54 -13.88 5.30 5.32
C VAL A 54 -12.78 5.29 4.26
N LYS A 55 -11.66 5.92 4.56
CA LYS A 55 -10.53 6.01 3.64
C LYS A 55 -9.68 4.74 3.77
N MET A 56 -9.37 4.12 2.64
CA MET A 56 -8.36 3.07 2.60
C MET A 56 -7.21 3.50 1.70
N THR A 57 -6.01 3.45 2.24
CA THR A 57 -4.83 3.95 1.56
C THR A 57 -3.76 2.89 1.60
N LYS A 58 -3.00 2.78 0.53
CA LYS A 58 -1.82 1.94 0.49
C LYS A 58 -0.60 2.82 0.64
N TYR A 59 0.32 2.42 1.51
CA TYR A 59 1.61 3.07 1.65
C TYR A 59 2.70 2.11 1.19
N HIS A 60 3.64 2.63 0.41
CA HIS A 60 4.79 1.86 -0.03
C HIS A 60 5.88 1.89 1.04
N VAL A 61 6.71 0.85 1.04
CA VAL A 61 7.78 0.75 2.04
C VAL A 61 9.13 0.79 1.34
N ASN A 62 10.17 1.05 2.12
CA ASN A 62 11.51 1.27 1.59
C ASN A 62 12.43 0.08 1.72
N PHE A 63 12.06 -0.96 2.46
CA PHE A 63 13.02 -1.98 2.84
C PHE A 63 13.08 -3.14 1.85
N MET A 64 12.51 -2.99 0.66
CA MET A 64 12.79 -3.93 -0.41
C MET A 64 13.13 -3.15 -1.67
N GLY A 65 13.88 -3.80 -2.56
CA GLY A 65 14.21 -3.21 -3.84
C GLY A 65 15.38 -2.27 -3.81
N GLY A 66 16.18 -2.29 -2.75
CA GLY A 66 17.33 -1.43 -2.65
C GLY A 66 16.91 0.03 -2.65
N ASP A 67 17.84 0.88 -3.08
CA ASP A 67 17.51 2.30 -3.16
C ASP A 67 16.42 2.56 -4.19
N LEU A 68 16.28 1.69 -5.19
CA LEU A 68 15.17 1.83 -6.11
C LEU A 68 13.83 1.75 -5.38
N GLY A 69 13.74 0.92 -4.34
CA GLY A 69 12.51 0.87 -3.58
C GLY A 69 12.15 2.20 -2.96
N LYS A 70 13.17 2.92 -2.44
CA LYS A 70 12.91 4.25 -1.90
C LYS A 70 12.40 5.19 -2.99
N ASP A 71 12.97 5.11 -4.18
CA ASP A 71 12.45 5.91 -5.29
C ASP A 71 11.01 5.53 -5.59
N LEU A 72 10.69 4.24 -5.53
CA LEU A 72 9.34 3.81 -5.76
C LEU A 72 8.39 4.35 -4.70
N THR A 73 8.86 4.47 -3.46
CA THR A 73 8.03 5.10 -2.43
C THR A 73 7.74 6.54 -2.81
N GLN A 74 8.71 7.22 -3.39
CA GLN A 74 8.47 8.60 -3.81
C GLN A 74 7.59 8.65 -5.04
N ALA A 75 7.78 7.70 -5.97
CA ALA A 75 6.88 7.62 -7.12
C ALA A 75 5.46 7.32 -6.66
N TRP A 76 5.32 6.46 -5.65
CA TRP A 76 4.00 6.17 -5.13
C TRP A 76 3.38 7.42 -4.50
N ALA A 77 4.20 8.24 -3.84
CA ALA A 77 3.72 9.53 -3.37
C ALA A 77 3.26 10.39 -4.54
N VAL A 78 4.03 10.40 -5.64
CA VAL A 78 3.60 11.12 -6.83
C VAL A 78 2.24 10.61 -7.29
N ALA A 79 2.07 9.28 -7.34
CA ALA A 79 0.80 8.71 -7.75
C ALA A 79 -0.33 9.20 -6.86
N MET A 80 -0.15 9.12 -5.54
CA MET A 80 -1.20 9.61 -4.66
C MET A 80 -1.42 11.10 -4.82
N ALA A 81 -0.35 11.86 -5.01
CA ALA A 81 -0.49 13.30 -5.19
C ALA A 81 -1.31 13.61 -6.43
N LEU A 82 -1.12 12.85 -7.50
CA LEU A 82 -1.80 13.08 -8.75
C LEU A 82 -3.12 12.35 -8.86
N GLY A 83 -3.45 11.50 -7.88
CA GLY A 83 -4.69 10.75 -7.91
C GLY A 83 -4.74 9.63 -8.93
N VAL A 84 -3.58 9.05 -9.26
CA VAL A 84 -3.48 7.98 -10.24
C VAL A 84 -3.03 6.68 -9.61
N GLU A 85 -3.05 6.59 -8.28
CA GLU A 85 -2.46 5.43 -7.63
C GLU A 85 -3.17 4.15 -8.02
N ASP A 86 -4.50 4.17 -8.10
CA ASP A 86 -5.19 2.95 -8.47
C ASP A 86 -4.77 2.48 -9.86
N LYS A 87 -4.65 3.40 -10.80
CA LYS A 87 -4.26 3.04 -12.17
C LYS A 87 -2.86 2.47 -12.21
N VAL A 88 -1.88 3.20 -11.66
CA VAL A 88 -0.48 2.78 -11.83
C VAL A 88 -0.10 1.61 -10.95
N THR A 89 -0.96 1.22 -10.00
CA THR A 89 -0.66 0.07 -9.17
C THR A 89 -0.34 -1.15 -10.02
N VAL A 90 -1.15 -1.42 -11.04
CA VAL A 90 -0.99 -2.61 -11.85
C VAL A 90 0.28 -2.53 -12.67
N PRO A 91 0.49 -1.51 -13.50
CA PRO A 91 1.71 -1.49 -14.32
C PRO A 91 3.00 -1.43 -13.51
N LEU A 92 2.95 -0.89 -12.29
CA LEU A 92 4.15 -0.89 -11.45
C LEU A 92 4.42 -2.29 -10.92
N PHE A 93 3.40 -2.95 -10.39
CA PHE A 93 3.57 -4.36 -10.00
C PHE A 93 4.12 -5.17 -11.18
N GLU A 94 3.49 -5.03 -12.35
CA GLU A 94 3.89 -5.84 -13.49
C GLU A 94 5.29 -5.46 -13.97
N GLY A 95 5.60 -4.16 -13.96
CA GLY A 95 6.92 -3.74 -14.41
C GLY A 95 8.00 -4.28 -13.51
N VAL A 96 7.76 -4.30 -12.20
CA VAL A 96 8.76 -4.79 -11.27
C VAL A 96 8.86 -6.31 -11.36
N GLN A 97 7.72 -6.98 -11.27
CA GLN A 97 7.74 -8.41 -10.99
C GLN A 97 7.50 -9.29 -12.21
N LYS A 98 6.83 -8.79 -13.23
CA LYS A 98 6.49 -9.64 -14.37
C LYS A 98 7.41 -9.37 -15.55
N THR A 99 7.45 -8.14 -16.03
CA THR A 99 8.35 -7.85 -17.13
C THR A 99 9.76 -7.56 -16.64
N GLN A 100 9.92 -7.23 -15.35
CA GLN A 100 11.24 -6.96 -14.80
C GLN A 100 11.94 -5.84 -15.57
N THR A 101 11.16 -4.84 -15.98
CA THR A 101 11.65 -3.70 -16.72
C THR A 101 11.83 -2.45 -15.86
N ILE A 102 11.57 -2.55 -14.57
CA ILE A 102 11.76 -1.42 -13.66
C ILE A 102 13.08 -1.66 -12.95
N ARG A 103 14.15 -1.07 -13.49
CA ARG A 103 15.47 -1.26 -12.92
C ARG A 103 16.13 0.05 -12.55
N SER A 104 15.50 1.17 -12.86
CA SER A 104 16.02 2.48 -12.50
C SER A 104 14.84 3.43 -12.29
N ALA A 105 15.14 4.58 -11.68
CA ALA A 105 14.08 5.57 -11.45
C ALA A 105 13.43 6.01 -12.77
N SER A 106 14.20 6.05 -13.86
N SER A 106 14.20 6.06 -13.86
CA SER A 106 13.58 6.45 -15.13
CA SER A 106 13.60 6.44 -15.13
C SER A 106 12.60 5.40 -15.62
C SER A 106 12.59 5.40 -15.60
N ASP A 107 12.81 4.13 -15.26
CA ASP A 107 11.85 3.09 -15.63
C ASP A 107 10.53 3.29 -14.88
N ILE A 108 10.61 3.74 -13.62
CA ILE A 108 9.39 4.05 -12.89
C ILE A 108 8.66 5.19 -13.58
N ARG A 109 9.37 6.27 -13.84
CA ARG A 109 8.80 7.41 -14.55
C ARG A 109 8.15 6.98 -15.87
N ASP A 110 8.78 6.06 -16.60
CA ASP A 110 8.21 5.59 -17.87
C ASP A 110 6.85 4.96 -17.67
N VAL A 111 6.67 4.22 -16.57
CA VAL A 111 5.35 3.63 -16.29
C VAL A 111 4.32 4.74 -16.15
N PHE A 112 4.67 5.81 -15.44
CA PHE A 112 3.74 6.93 -15.29
C PHE A 112 3.48 7.62 -16.61
N ILE A 113 4.51 7.85 -17.42
CA ILE A 113 4.30 8.46 -18.72
C ILE A 113 3.35 7.61 -19.56
N ASN A 114 3.58 6.29 -19.58
CA ASN A 114 2.72 5.40 -20.35
C ASN A 114 1.31 5.37 -19.78
N ALA A 115 1.17 5.66 -18.49
CA ALA A 115 -0.14 5.77 -17.86
C ALA A 115 -0.78 7.14 -18.06
N GLY A 116 -0.15 8.01 -18.83
CA GLY A 116 -0.74 9.28 -19.17
C GLY A 116 -0.30 10.46 -18.33
N ILE A 117 0.67 10.27 -17.44
CA ILE A 117 1.23 11.38 -16.67
C ILE A 117 2.45 11.86 -17.43
N LYS A 118 2.35 13.03 -18.06
CA LYS A 118 3.47 13.58 -18.82
C LYS A 118 4.71 13.61 -17.95
N GLY A 119 5.87 13.41 -18.59
CA GLY A 119 7.12 13.46 -17.86
C GLY A 119 7.27 14.75 -17.06
N GLU A 120 6.88 15.88 -17.65
CA GLU A 120 7.01 17.17 -16.98
C GLU A 120 6.15 17.23 -15.71
N GLU A 121 4.95 16.66 -15.77
CA GLU A 121 4.07 16.65 -14.61
C GLU A 121 4.62 15.71 -13.53
N TYR A 122 5.10 14.55 -13.94
CA TYR A 122 5.73 13.64 -12.99
C TYR A 122 6.89 14.31 -12.27
N ASP A 123 7.79 14.95 -13.02
CA ASP A 123 8.98 15.56 -12.43
C ASP A 123 8.61 16.67 -11.47
N ALA A 124 7.69 17.55 -11.89
CA ALA A 124 7.25 18.62 -11.01
C ALA A 124 6.65 18.07 -9.72
N ALA A 125 5.82 17.03 -9.83
CA ALA A 125 5.29 16.40 -8.63
C ALA A 125 6.42 15.78 -7.80
N TRP A 126 7.33 15.08 -8.47
CA TRP A 126 8.46 14.45 -7.77
C TRP A 126 9.13 15.41 -6.82
N ASN A 127 9.31 16.65 -7.25
CA ASN A 127 10.05 17.65 -6.52
C ASN A 127 9.16 18.52 -5.66
N SER A 128 7.87 18.20 -5.56
CA SER A 128 6.92 19.09 -4.93
C SER A 128 6.82 18.86 -3.43
N PHE A 129 6.26 19.84 -2.74
CA PHE A 129 6.07 19.64 -1.31
C PHE A 129 5.04 18.55 -1.02
N VAL A 130 3.93 18.53 -1.75
CA VAL A 130 2.92 17.52 -1.44
C VAL A 130 3.53 16.12 -1.50
N VAL A 131 4.43 15.89 -2.45
CA VAL A 131 5.07 14.58 -2.56
C VAL A 131 6.02 14.35 -1.39
N LYS A 132 6.84 15.36 -1.06
CA LYS A 132 7.69 15.22 0.12
C LYS A 132 6.86 14.90 1.35
N SER A 133 5.70 15.54 1.49
CA SER A 133 4.87 15.30 2.65
C SER A 133 4.33 13.87 2.66
N LEU A 134 3.90 13.39 1.50
CA LEU A 134 3.42 12.01 1.40
C LEU A 134 4.55 11.02 1.65
N VAL A 135 5.76 11.31 1.18
CA VAL A 135 6.87 10.42 1.50
C VAL A 135 7.09 10.40 3.00
N ALA A 136 7.06 11.58 3.63
CA ALA A 136 7.25 11.64 5.07
C ALA A 136 6.17 10.83 5.78
N GLN A 137 4.92 10.92 5.31
CA GLN A 137 3.83 10.16 5.93
C GLN A 137 4.06 8.66 5.80
N GLN A 138 4.42 8.19 4.61
CA GLN A 138 4.66 6.77 4.43
C GLN A 138 5.80 6.29 5.33
N GLU A 139 6.88 7.07 5.41
CA GLU A 139 8.00 6.63 6.22
C GLU A 139 7.68 6.70 7.70
N LYS A 140 6.97 7.75 8.11
CA LYS A 140 6.65 7.90 9.54
C LYS A 140 5.69 6.80 10.00
N ALA A 141 4.67 6.51 9.18
CA ALA A 141 3.73 5.46 9.58
C ALA A 141 4.44 4.11 9.70
N ALA A 142 5.32 3.80 8.75
CA ALA A 142 6.07 2.54 8.85
C ALA A 142 6.91 2.52 10.12
N ALA A 143 7.58 3.63 10.41
CA ALA A 143 8.38 3.69 11.62
C ALA A 143 7.51 3.57 12.87
N ASP A 144 6.32 4.17 12.84
CA ASP A 144 5.47 4.18 14.04
C ASP A 144 5.06 2.78 14.44
N VAL A 145 4.98 1.86 13.49
CA VAL A 145 4.61 0.49 13.80
C VAL A 145 5.81 -0.44 13.76
N GLN A 146 7.01 0.12 13.61
CA GLN A 146 8.25 -0.64 13.45
C GLN A 146 8.03 -1.77 12.45
N LEU A 147 7.51 -1.38 11.29
CA LEU A 147 7.14 -2.36 10.29
C LEU A 147 8.36 -3.16 9.85
N ARG A 148 8.25 -4.48 9.90
CA ARG A 148 9.32 -5.36 9.47
C ARG A 148 8.92 -6.26 8.31
N GLY A 149 7.65 -6.27 7.91
CA GLY A 149 7.24 -7.11 6.81
C GLY A 149 6.02 -6.53 6.12
N VAL A 150 5.86 -6.89 4.85
CA VAL A 150 4.69 -6.53 4.08
C VAL A 150 4.16 -7.78 3.39
N PRO A 151 2.87 -7.79 3.03
CA PRO A 151 1.95 -6.69 3.34
C PRO A 151 1.57 -6.67 4.81
N ALA A 152 1.02 -5.55 5.22
CA ALA A 152 0.47 -5.41 6.57
C ALA A 152 -0.71 -4.47 6.48
N MET A 153 -1.65 -4.60 7.41
CA MET A 153 -2.74 -3.65 7.39
C MET A 153 -3.05 -3.18 8.79
N PHE A 154 -3.36 -1.88 8.91
CA PHE A 154 -3.60 -1.22 10.18
C PHE A 154 -4.89 -0.43 10.07
N VAL A 155 -5.70 -0.49 11.12
CA VAL A 155 -7.00 0.17 11.10
C VAL A 155 -7.04 1.19 12.22
N ASN A 156 -7.53 2.39 11.91
CA ASN A 156 -7.66 3.49 12.87
C ASN A 156 -6.36 3.82 13.56
N GLY A 157 -5.24 3.50 12.90
CA GLY A 157 -3.93 3.66 13.49
C GLY A 157 -3.73 2.87 14.76
N LYS A 158 -4.58 1.87 15.01
CA LYS A 158 -4.63 1.25 16.32
C LYS A 158 -4.57 -0.28 16.28
N TYR A 159 -5.09 -0.88 15.20
CA TYR A 159 -5.30 -2.32 15.12
C TYR A 159 -4.54 -2.89 13.95
N GLN A 160 -3.75 -3.92 14.20
CA GLN A 160 -2.97 -4.55 13.14
C GLN A 160 -3.65 -5.85 12.77
N LEU A 161 -4.03 -5.98 11.50
CA LEU A 161 -4.64 -7.23 11.05
C LEU A 161 -3.69 -8.39 11.29
N ASN A 162 -4.25 -9.54 11.64
CA ASN A 162 -3.46 -10.76 11.80
C ASN A 162 -4.06 -11.84 10.91
N PRO A 163 -3.56 -12.00 9.69
CA PRO A 163 -4.13 -13.00 8.80
C PRO A 163 -3.79 -14.43 9.20
N GLN A 164 -2.81 -14.61 10.10
CA GLN A 164 -2.37 -15.96 10.45
C GLN A 164 -3.51 -16.79 11.00
N GLY A 165 -4.34 -16.19 11.85
CA GLY A 165 -5.44 -16.92 12.46
C GLY A 165 -6.56 -17.29 11.53
N MET A 166 -6.56 -16.75 10.31
CA MET A 166 -7.71 -16.88 9.42
C MET A 166 -7.65 -18.14 8.58
N ASP A 167 -8.81 -18.74 8.36
CA ASP A 167 -8.84 -20.00 7.63
C ASP A 167 -8.48 -19.77 6.16
N THR A 168 -7.50 -20.53 5.67
CA THR A 168 -6.98 -20.39 4.31
C THR A 168 -7.33 -21.57 3.43
N SER A 169 -8.22 -22.47 3.88
CA SER A 169 -8.56 -23.62 3.06
C SER A 169 -9.34 -23.21 1.83
N ASN A 170 -9.95 -22.03 1.86
CA ASN A 170 -10.75 -21.51 0.77
C ASN A 170 -10.39 -20.04 0.64
N MET A 171 -9.78 -19.65 -0.49
CA MET A 171 -9.29 -18.29 -0.61
C MET A 171 -10.42 -17.28 -0.53
N ASP A 172 -11.58 -17.60 -1.10
CA ASP A 172 -12.69 -16.66 -1.05
C ASP A 172 -13.13 -16.40 0.38
N VAL A 173 -13.16 -17.45 1.18
CA VAL A 173 -13.52 -17.31 2.59
C VAL A 173 -12.45 -16.54 3.34
N PHE A 174 -11.19 -16.78 3.02
CA PHE A 174 -10.12 -16.02 3.65
C PHE A 174 -10.29 -14.53 3.37
N VAL A 175 -10.51 -14.18 2.10
CA VAL A 175 -10.65 -12.78 1.73
C VAL A 175 -11.81 -12.14 2.47
N GLN A 176 -12.94 -12.85 2.57
CA GLN A 176 -14.09 -12.23 3.23
C GLN A 176 -13.90 -12.18 4.74
N GLN A 177 -13.27 -13.21 5.32
CA GLN A 177 -12.89 -13.12 6.74
C GLN A 177 -12.01 -11.91 6.98
N TYR A 178 -11.04 -11.68 6.10
CA TYR A 178 -10.14 -10.56 6.28
C TYR A 178 -10.88 -9.24 6.13
N ALA A 179 -11.65 -9.11 5.04
CA ALA A 179 -12.41 -7.89 4.80
C ALA A 179 -13.41 -7.63 5.93
N ASP A 180 -14.10 -8.68 6.41
CA ASP A 180 -15.02 -8.51 7.53
C ASP A 180 -14.28 -8.01 8.76
N THR A 181 -13.09 -8.55 9.02
CA THR A 181 -12.30 -8.08 10.15
C THR A 181 -11.94 -6.60 10.01
N VAL A 182 -11.50 -6.19 8.82
CA VAL A 182 -11.19 -4.77 8.63
C VAL A 182 -12.43 -3.92 8.89
N LYS A 183 -13.57 -4.32 8.35
CA LYS A 183 -14.77 -3.52 8.54
C LYS A 183 -15.10 -3.39 10.02
N TYR A 184 -15.11 -4.52 10.73
CA TYR A 184 -15.34 -4.52 12.17
C TYR A 184 -14.39 -3.55 12.87
N LEU A 185 -13.09 -3.63 12.54
CA LEU A 185 -12.11 -2.76 13.17
C LEU A 185 -12.36 -1.30 12.84
N SER A 186 -12.74 -1.01 11.59
CA SER A 186 -12.93 0.38 11.20
C SER A 186 -14.07 1.01 11.98
N GLU A 187 -15.03 0.19 12.41
CA GLU A 187 -16.20 0.66 13.16
C GLU A 187 -15.92 0.80 14.65
N LYS A 188 -14.76 0.38 15.13
CA LYS A 188 -14.41 0.56 16.54
C LYS A 188 -14.17 2.04 16.88
C1 PEG B . -4.68 10.73 6.64
O1 PEG B . -5.84 11.25 6.07
C2 PEG B . -3.45 11.07 5.81
O2 PEG B . -3.48 10.39 4.58
C3 PEG B . -2.35 10.66 3.79
C4 PEG B . -2.48 9.87 2.50
O4 PEG B . -3.55 10.39 1.76
H11 PEG B . -4.76 9.76 6.71
H12 PEG B . -4.57 11.10 7.53
HO1 PEG B . -5.79 11.17 5.22
H21 PEG B . -3.41 12.03 5.64
H22 PEG B . -2.66 10.81 6.29
H31 PEG B . -2.31 11.60 3.59
H32 PEG B . -1.55 10.38 4.26
H41 PEG B . -1.66 9.95 1.99
H42 PEG B . -2.65 8.94 2.70
HO4 PEG B . -3.44 10.21 0.94
C1 TCH C . -0.69 -16.30 -0.97
C2 TCH C . -0.24 -17.70 -0.65
C3 TCH C . -1.41 -18.56 -0.24
O3 TCH C . -0.95 -19.89 0.07
C4 TCH C . -2.11 -17.96 0.93
C5 TCH C . -2.59 -16.53 0.66
C6 TCH C . -3.32 -15.93 1.88
C7 TCH C . -2.39 -15.54 3.03
O7 TCH C . -1.88 -16.69 3.71
C8 TCH C . -1.23 -14.69 2.53
C9 TCH C . -0.48 -15.39 1.38
C10 TCH C . -1.43 -15.61 0.18
C11 TCH C . 0.81 -14.64 0.98
C12 TCH C . 1.71 -14.28 2.16
O12 TCH C . 2.21 -15.49 2.75
C13 TCH C . 0.90 -13.47 3.18
C14 TCH C . -0.27 -14.34 3.66
C15 TCH C . -0.83 -13.61 4.86
C16 TCH C . 0.39 -12.91 5.49
C17 TCH C . 1.59 -13.15 4.54
C18 TCH C . 0.46 -12.16 2.52
C19 TCH C . -2.00 -14.27 -0.33
O1S TCH C . 1.25 -9.83 8.77
C20 TCH C . 2.59 -11.98 4.54
C21 TCH C . 3.80 -12.23 3.65
C22 TCH C . 3.05 -11.61 5.95
C23 TCH C . 3.98 -10.42 5.93
C24 TCH C . 4.30 -9.88 7.29
N24 TCH C . 3.71 -8.74 7.63
O24 TCH C . 5.04 -10.48 8.06
C25 TCH C . 3.89 -8.08 8.91
C26 TCH C . 3.29 -8.88 10.02
S26 TCH C . 1.53 -8.98 9.89
O2S TCH C . 1.03 -9.35 11.16
O3S TCH C . 1.14 -7.56 9.54
#